data_6Z26
#
_entry.id   6Z26
#
_cell.length_a   69.380
_cell.length_b   70.306
_cell.length_c   98.736
_cell.angle_alpha   90.00
_cell.angle_beta   90.00
_cell.angle_gamma   90.00
#
_symmetry.space_group_name_H-M   'P 21 21 21'
#
loop_
_entity.id
_entity.type
_entity.pdbx_description
1 polymer 'Spindle assembly abnormal protein 6 homolog'
2 water water
#
_entity_poly.entity_id   1
_entity_poly.type   'polypeptide(L)'
_entity_poly.pdbx_seq_one_letter_code
;GPLESSHHRSTQQLQTKVSELETANRELIDKKYKSDSTIRDLKAK(MSE)TSLEEECQRSKQQVLSLRRENSALDSECHE
KERL(MSE)NQLQTRVAVLEQEIKDKDQLVLRTKEVLEATQQQKNS
;
_entity_poly.pdbx_strand_id   A,B,C,D
#
# COMPACT_ATOMS: atom_id res chain seq x y z
N GLN A 12 -82.61 24.24 -40.48
CA GLN A 12 -81.73 25.27 -41.00
C GLN A 12 -82.39 26.69 -40.97
N GLN A 13 -82.93 27.06 -39.79
CA GLN A 13 -83.53 28.36 -39.45
C GLN A 13 -83.30 28.65 -37.96
N LEU A 14 -82.63 27.68 -37.28
CA LEU A 14 -82.37 27.73 -35.84
CA LEU A 14 -82.37 27.75 -35.87
C LEU A 14 -80.89 27.60 -35.50
N GLN A 15 -80.40 28.59 -34.73
CA GLN A 15 -79.05 28.73 -34.22
C GLN A 15 -78.98 28.11 -32.80
N THR A 16 -79.77 27.03 -32.52
CA THR A 16 -79.72 26.38 -31.19
C THR A 16 -78.43 25.59 -31.09
N LYS A 17 -77.83 25.27 -32.26
CA LYS A 17 -76.57 24.59 -32.34
C LYS A 17 -75.49 25.52 -31.78
N VAL A 18 -75.64 26.86 -31.92
CA VAL A 18 -74.69 27.86 -31.39
C VAL A 18 -74.66 27.81 -29.84
N SER A 19 -75.86 27.85 -29.20
CA SER A 19 -76.04 27.79 -27.74
C SER A 19 -75.50 26.48 -27.14
N GLU A 20 -75.57 25.37 -27.91
CA GLU A 20 -75.10 24.03 -27.58
C GLU A 20 -73.60 23.87 -27.83
N LEU A 21 -73.11 24.56 -28.85
CA LEU A 21 -71.72 24.58 -29.30
C LEU A 21 -70.91 25.54 -28.44
N GLU A 22 -71.58 26.48 -27.75
CA GLU A 22 -70.93 27.42 -26.85
C GLU A 22 -70.88 26.84 -25.42
N THR A 23 -71.89 26.05 -25.01
CA THR A 23 -71.90 25.39 -23.70
C THR A 23 -70.95 24.17 -23.69
N ALA A 24 -70.68 23.57 -24.87
CA ALA A 24 -69.75 22.45 -25.05
C ALA A 24 -68.32 22.99 -25.06
N ASN A 25 -68.09 24.12 -25.77
CA ASN A 25 -66.79 24.77 -25.86
C ASN A 25 -66.34 25.35 -24.52
N ARG A 26 -67.18 26.14 -23.82
CA ARG A 26 -66.82 26.71 -22.50
C ARG A 26 -66.47 25.59 -21.48
N GLU A 27 -67.11 24.41 -21.61
CA GLU A 27 -66.85 23.25 -20.75
C GLU A 27 -65.47 22.62 -21.05
N LEU A 28 -65.08 22.56 -22.34
CA LEU A 28 -63.79 22.06 -22.79
C LEU A 28 -62.67 23.00 -22.35
N ILE A 29 -62.90 24.33 -22.45
CA ILE A 29 -61.94 25.39 -22.09
C ILE A 29 -61.63 25.33 -20.60
N ASP A 30 -62.65 25.10 -19.76
CA ASP A 30 -62.52 24.99 -18.30
C ASP A 30 -61.77 23.71 -17.92
N LYS A 31 -61.98 22.61 -18.69
CA LYS A 31 -61.30 21.33 -18.51
C LYS A 31 -59.82 21.44 -18.95
N LYS A 32 -59.57 22.26 -19.99
CA LYS A 32 -58.25 22.54 -20.54
C LYS A 32 -57.43 23.32 -19.54
N TYR A 33 -58.05 24.19 -18.70
CA TYR A 33 -57.32 24.93 -17.67
C TYR A 33 -56.80 23.92 -16.63
N LYS A 34 -57.67 22.99 -16.18
CA LYS A 34 -57.38 21.95 -15.20
C LYS A 34 -56.27 20.99 -15.67
N SER A 35 -56.37 20.52 -16.94
CA SER A 35 -55.39 19.60 -17.54
C SER A 35 -54.01 20.24 -17.67
N ASP A 36 -53.97 21.54 -18.00
CA ASP A 36 -52.75 22.34 -18.15
C ASP A 36 -52.00 22.49 -16.85
N SER A 37 -52.72 22.75 -15.73
CA SER A 37 -52.11 22.89 -14.40
C SER A 37 -51.57 21.55 -13.92
N THR A 38 -52.25 20.44 -14.30
CA THR A 38 -51.81 19.08 -13.99
C THR A 38 -50.47 18.80 -14.68
N ILE A 39 -50.36 19.19 -15.99
CA ILE A 39 -49.14 19.08 -16.79
C ILE A 39 -48.02 19.97 -16.20
N ARG A 40 -48.36 21.23 -15.83
CA ARG A 40 -47.43 22.18 -15.20
C ARG A 40 -46.93 21.64 -13.86
N ASP A 41 -47.82 21.03 -13.05
CA ASP A 41 -47.48 20.42 -11.76
C ASP A 41 -46.62 19.15 -11.90
N LEU A 42 -46.94 18.28 -12.89
CA LEU A 42 -46.15 17.05 -13.13
C LEU A 42 -44.73 17.42 -13.57
N LYS A 43 -44.60 18.37 -14.53
CA LYS A 43 -43.32 18.87 -15.04
C LYS A 43 -42.46 19.49 -13.92
N ALA A 44 -43.09 20.19 -12.95
CA ALA A 44 -42.39 20.79 -11.81
C ALA A 44 -41.95 19.74 -10.81
N LYS A 45 -42.81 18.71 -10.53
CA LYS A 45 -42.51 17.61 -9.61
C LYS A 45 -41.36 16.79 -10.15
N MSE A 46 -41.21 16.79 -11.48
CA MSE A 46 -40.18 16.05 -12.15
C MSE A 46 -38.84 16.76 -12.18
O MSE A 46 -37.81 16.09 -12.15
CB MSE A 46 -40.64 15.75 -13.55
CG MSE A 46 -40.37 14.34 -13.96
SE MSE A 46 -40.78 14.25 -15.86
CE MSE A 46 -39.34 15.51 -16.55
N THR A 47 -38.85 18.10 -12.28
CA THR A 47 -37.66 18.96 -12.30
C THR A 47 -36.95 18.86 -10.96
N SER A 48 -37.72 18.83 -9.85
CA SER A 48 -37.18 18.72 -8.49
C SER A 48 -36.58 17.33 -8.29
N LEU A 49 -37.27 16.30 -8.83
CA LEU A 49 -36.89 14.89 -8.78
C LEU A 49 -35.58 14.63 -9.53
N GLU A 50 -35.43 15.22 -10.73
CA GLU A 50 -34.21 15.16 -11.54
C GLU A 50 -33.05 15.83 -10.81
N GLU A 51 -33.32 16.94 -10.08
CA GLU A 51 -32.33 17.69 -9.26
C GLU A 51 -31.88 16.86 -8.05
N GLU A 52 -32.83 16.13 -7.43
CA GLU A 52 -32.64 15.26 -6.29
C GLU A 52 -31.75 14.08 -6.68
N CYS A 53 -32.05 13.44 -7.83
CA CYS A 53 -31.31 12.31 -8.40
C CYS A 53 -29.87 12.73 -8.71
N GLN A 54 -29.68 13.94 -9.27
CA GLN A 54 -28.36 14.50 -9.62
C GLN A 54 -27.50 14.74 -8.38
N ARG A 55 -28.13 15.15 -7.26
CA ARG A 55 -27.54 15.41 -5.97
C ARG A 55 -27.08 14.10 -5.33
N SER A 56 -27.90 13.03 -5.42
CA SER A 56 -27.50 11.73 -4.88
C SER A 56 -26.42 11.09 -5.73
N LYS A 57 -26.41 11.35 -7.06
CA LYS A 57 -25.35 10.85 -7.96
C LYS A 57 -23.98 11.40 -7.51
N GLN A 58 -23.92 12.71 -7.17
CA GLN A 58 -22.69 13.34 -6.69
C GLN A 58 -22.30 12.89 -5.29
N GLN A 59 -23.30 12.57 -4.47
CA GLN A 59 -23.11 12.08 -3.12
C GLN A 59 -22.53 10.64 -3.19
N VAL A 60 -23.05 9.80 -4.14
CA VAL A 60 -22.56 8.42 -4.37
C VAL A 60 -21.10 8.48 -4.80
N LEU A 61 -20.77 9.35 -5.77
CA LEU A 61 -19.43 9.54 -6.31
C LEU A 61 -18.45 10.01 -5.27
N SER A 62 -18.90 10.86 -4.36
CA SER A 62 -18.12 11.40 -3.25
C SER A 62 -17.80 10.25 -2.27
N LEU A 63 -18.82 9.43 -1.95
CA LEU A 63 -18.71 8.28 -1.06
C LEU A 63 -17.87 7.14 -1.65
N ARG A 64 -17.83 7.02 -3.00
CA ARG A 64 -17.00 6.01 -3.67
C ARG A 64 -15.51 6.40 -3.62
N ARG A 65 -15.21 7.71 -3.73
CA ARG A 65 -13.87 8.28 -3.61
C ARG A 65 -13.34 8.01 -2.21
N GLU A 66 -14.20 8.29 -1.20
CA GLU A 66 -13.94 8.12 0.22
C GLU A 66 -13.69 6.64 0.53
N ASN A 67 -14.49 5.73 -0.04
CA ASN A 67 -14.33 4.31 0.17
C ASN A 67 -12.98 3.77 -0.36
N SER A 68 -12.59 4.17 -1.58
CA SER A 68 -11.32 3.79 -2.21
C SER A 68 -10.13 4.21 -1.35
N ALA A 69 -10.22 5.43 -0.78
CA ALA A 69 -9.23 6.04 0.11
C ALA A 69 -9.06 5.22 1.38
N LEU A 70 -10.20 4.83 2.02
CA LEU A 70 -10.18 4.00 3.26
C LEU A 70 -9.68 2.62 2.98
N ASP A 71 -10.07 2.05 1.83
CA ASP A 71 -9.63 0.72 1.40
C ASP A 71 -8.11 0.68 1.26
N SER A 72 -7.51 1.70 0.62
CA SER A 72 -6.06 1.78 0.42
C SER A 72 -5.34 1.95 1.74
N GLU A 73 -5.97 2.71 2.64
CA GLU A 73 -5.48 2.99 3.97
C GLU A 73 -5.48 1.71 4.83
N CYS A 74 -6.57 0.92 4.76
CA CYS A 74 -6.74 -0.37 5.47
C CYS A 74 -5.74 -1.40 4.95
N HIS A 75 -5.40 -1.32 3.66
CA HIS A 75 -4.45 -2.19 2.98
C HIS A 75 -3.03 -1.91 3.48
N GLU A 76 -2.65 -0.63 3.62
CA GLU A 76 -1.33 -0.22 4.11
C GLU A 76 -1.17 -0.60 5.58
N LYS A 77 -2.24 -0.40 6.37
CA LYS A 77 -2.24 -0.78 7.78
C LYS A 77 -2.05 -2.29 7.90
N GLU A 78 -2.76 -3.09 7.07
CA GLU A 78 -2.63 -4.55 7.04
C GLU A 78 -1.23 -4.97 6.58
N ARG A 79 -0.62 -4.18 5.70
CA ARG A 79 0.70 -4.49 5.19
C ARG A 79 1.74 -4.27 6.28
N LEU A 80 1.65 -3.15 7.02
CA LEU A 80 2.65 -2.87 8.05
C LEU A 80 2.49 -3.81 9.23
N MSE A 81 1.30 -4.33 9.41
CA MSE A 81 1.01 -5.29 10.45
C MSE A 81 1.61 -6.65 10.17
O MSE A 81 2.15 -7.25 11.09
CB MSE A 81 -0.46 -5.39 10.56
CG MSE A 81 -0.94 -6.07 11.76
SE MSE A 81 -2.78 -6.05 11.23
CE MSE A 81 -3.31 -4.51 12.02
N ASN A 82 1.53 -7.13 8.92
CA ASN A 82 2.14 -8.41 8.57
C ASN A 82 3.65 -8.30 8.77
N GLN A 83 4.23 -7.13 8.45
CA GLN A 83 5.65 -6.82 8.58
C GLN A 83 6.12 -6.92 10.02
N LEU A 84 5.32 -6.37 10.94
CA LEU A 84 5.55 -6.33 12.37
C LEU A 84 5.43 -7.68 12.99
N GLN A 85 4.37 -8.42 12.62
CA GLN A 85 4.16 -9.79 13.12
C GLN A 85 5.32 -10.70 12.77
N THR A 86 5.88 -10.51 11.56
CA THR A 86 7.05 -11.22 11.05
C THR A 86 8.27 -10.81 11.88
N ARG A 87 8.44 -9.49 12.13
CA ARG A 87 9.53 -8.92 12.92
C ARG A 87 9.57 -9.48 14.33
N VAL A 88 8.39 -9.57 14.99
CA VAL A 88 8.19 -10.14 16.33
C VAL A 88 8.67 -11.60 16.36
N ALA A 89 8.24 -12.42 15.37
CA ALA A 89 8.61 -13.82 15.24
C ALA A 89 10.12 -14.00 15.12
N VAL A 90 10.79 -13.14 14.34
CA VAL A 90 12.24 -13.16 14.12
C VAL A 90 12.95 -12.88 15.45
N LEU A 91 12.55 -11.83 16.15
CA LEU A 91 13.12 -11.43 17.44
C LEU A 91 12.88 -12.47 18.53
N GLU A 92 11.68 -13.06 18.57
CA GLU A 92 11.34 -14.10 19.54
C GLU A 92 12.19 -15.35 19.36
N GLN A 93 12.59 -15.64 18.10
CA GLN A 93 13.47 -16.75 17.73
C GLN A 93 14.90 -16.41 18.13
N GLU A 94 15.36 -15.17 17.90
CA GLU A 94 16.71 -14.73 18.29
C GLU A 94 16.94 -14.92 19.80
N ILE A 95 15.88 -14.63 20.59
CA ILE A 95 15.87 -14.76 22.05
C ILE A 95 16.02 -16.24 22.43
N LYS A 96 15.15 -17.13 21.88
CA LYS A 96 15.18 -18.57 22.11
C LYS A 96 16.55 -19.19 21.85
N ASP A 97 17.21 -18.80 20.73
CA ASP A 97 18.53 -19.27 20.31
C ASP A 97 19.65 -18.80 21.27
N LYS A 98 19.54 -17.56 21.77
CA LYS A 98 20.51 -17.00 22.70
C LYS A 98 20.33 -17.58 24.11
N ASP A 99 19.07 -17.81 24.54
CA ASP A 99 18.76 -18.43 25.84
C ASP A 99 19.25 -19.87 25.89
N GLN A 100 19.14 -20.61 24.75
CA GLN A 100 19.59 -22.00 24.57
C GLN A 100 21.11 -22.07 24.63
N LEU A 101 21.81 -21.05 24.08
CA LEU A 101 23.27 -20.94 24.12
C LEU A 101 23.70 -20.69 25.59
N VAL A 102 22.96 -19.83 26.31
CA VAL A 102 23.16 -19.50 27.73
C VAL A 102 22.90 -20.76 28.58
N LEU A 103 21.93 -21.59 28.18
CA LEU A 103 21.57 -22.82 28.88
C LEU A 103 22.67 -23.87 28.72
N ARG A 104 23.17 -24.08 27.48
CA ARG A 104 24.22 -25.05 27.19
C ARG A 104 25.57 -24.72 27.85
N THR A 105 25.87 -23.40 28.03
CA THR A 105 27.06 -22.92 28.72
C THR A 105 26.93 -23.22 30.21
N LYS A 106 25.73 -22.97 30.80
CA LYS A 106 25.44 -23.26 32.22
C LYS A 106 25.62 -24.76 32.48
N GLU A 107 25.10 -25.63 31.56
CA GLU A 107 25.14 -27.09 31.61
C GLU A 107 26.57 -27.65 31.59
N VAL A 108 27.48 -27.04 30.79
CA VAL A 108 28.89 -27.45 30.71
C VAL A 108 29.64 -27.05 32.00
N LEU A 109 29.28 -25.87 32.55
CA LEU A 109 29.81 -25.32 33.79
C LEU A 109 29.30 -26.10 35.05
N GLU A 110 28.46 -27.14 34.83
CA GLU A 110 27.90 -28.02 35.86
C GLU A 110 28.55 -29.41 35.79
N ALA A 111 28.69 -29.95 34.56
CA ALA A 111 29.28 -31.26 34.27
C ALA A 111 30.73 -31.39 34.76
N ARG B 9 85.35 -33.43 35.54
CA ARG B 9 85.55 -33.26 34.10
C ARG B 9 84.29 -33.57 33.25
N SER B 10 83.30 -34.30 33.82
CA SER B 10 82.03 -34.68 33.16
C SER B 10 80.99 -33.55 33.10
N THR B 11 81.30 -32.39 33.73
CA THR B 11 80.43 -31.20 33.75
C THR B 11 80.25 -30.61 32.34
N GLN B 12 81.30 -30.69 31.48
CA GLN B 12 81.34 -30.21 30.09
C GLN B 12 80.13 -30.68 29.29
N GLN B 13 79.86 -32.01 29.34
CA GLN B 13 78.75 -32.69 28.65
C GLN B 13 77.40 -32.17 29.12
N LEU B 14 77.25 -31.97 30.43
CA LEU B 14 76.04 -31.42 31.05
C LEU B 14 75.87 -29.96 30.61
N GLN B 15 76.95 -29.16 30.71
CA GLN B 15 77.05 -27.75 30.32
C GLN B 15 76.68 -27.51 28.85
N THR B 16 76.96 -28.50 27.98
CA THR B 16 76.67 -28.44 26.56
C THR B 16 75.20 -28.77 26.32
N LYS B 17 74.63 -29.77 27.03
CA LYS B 17 73.21 -30.11 26.88
C LYS B 17 72.34 -28.93 27.30
N VAL B 18 72.62 -28.33 28.49
CA VAL B 18 71.85 -27.17 28.99
C VAL B 18 71.97 -25.97 28.06
N SER B 19 73.18 -25.64 27.57
CA SER B 19 73.39 -24.50 26.66
C SER B 19 72.60 -24.64 25.34
N GLU B 20 72.55 -25.85 24.75
CA GLU B 20 71.81 -26.02 23.52
C GLU B 20 70.30 -26.20 23.79
N LEU B 21 69.92 -26.57 25.04
CA LEU B 21 68.50 -26.69 25.40
C LEU B 21 67.91 -25.32 25.75
N GLU B 22 68.75 -24.43 26.32
CA GLU B 22 68.31 -23.11 26.71
C GLU B 22 68.14 -22.20 25.47
N THR B 23 68.84 -22.51 24.36
CA THR B 23 68.70 -21.73 23.11
C THR B 23 67.55 -22.29 22.28
N ALA B 24 67.31 -23.63 22.41
CA ALA B 24 66.18 -24.33 21.77
C ALA B 24 64.89 -23.77 22.35
N ASN B 25 64.90 -23.50 23.68
CA ASN B 25 63.82 -22.90 24.45
C ASN B 25 63.48 -21.51 23.89
N ARG B 26 64.51 -20.62 23.84
CA ARG B 26 64.43 -19.25 23.32
C ARG B 26 63.84 -19.22 21.91
N GLU B 27 64.27 -20.16 21.02
CA GLU B 27 63.78 -20.27 19.64
C GLU B 27 62.27 -20.58 19.62
N LEU B 28 61.80 -21.50 20.50
CA LEU B 28 60.39 -21.86 20.63
C LEU B 28 59.61 -20.68 21.22
N ILE B 29 60.19 -20.01 22.24
CA ILE B 29 59.58 -18.87 22.93
C ILE B 29 59.38 -17.74 21.95
N ASP B 30 60.36 -17.46 21.07
CA ASP B 30 60.27 -16.41 20.05
C ASP B 30 59.25 -16.76 18.98
N LYS B 31 59.09 -18.05 18.64
CA LYS B 31 58.09 -18.51 17.66
C LYS B 31 56.68 -18.41 18.27
N LYS B 32 56.59 -18.68 19.61
CA LYS B 32 55.35 -18.61 20.39
C LYS B 32 54.86 -17.19 20.47
N TYR B 33 55.77 -16.19 20.52
CA TYR B 33 55.39 -14.78 20.55
C TYR B 33 54.73 -14.44 19.23
N LYS B 34 55.34 -14.85 18.10
CA LYS B 34 54.86 -14.64 16.73
C LYS B 34 53.49 -15.29 16.47
N SER B 35 53.33 -16.56 16.90
CA SER B 35 52.07 -17.30 16.70
C SER B 35 50.91 -16.68 17.50
N ASP B 36 51.22 -16.17 18.70
CA ASP B 36 50.25 -15.52 19.59
C ASP B 36 49.75 -14.21 19.01
N SER B 37 50.64 -13.39 18.40
CA SER B 37 50.25 -12.12 17.77
C SER B 37 49.42 -12.37 16.53
N THR B 38 49.70 -13.48 15.80
CA THR B 38 48.94 -13.89 14.62
C THR B 38 47.49 -14.20 15.04
N ILE B 39 47.33 -14.96 16.17
CA ILE B 39 46.04 -15.33 16.79
C ILE B 39 45.32 -14.05 17.25
N ARG B 40 46.04 -13.13 17.93
CA ARG B 40 45.51 -11.84 18.40
C ARG B 40 45.06 -10.96 17.24
N ASP B 41 45.83 -10.97 16.12
CA ASP B 41 45.50 -10.21 14.91
C ASP B 41 44.30 -10.83 14.14
N LEU B 42 44.23 -12.17 14.04
CA LEU B 42 43.10 -12.83 13.37
C LEU B 42 41.79 -12.55 14.14
N LYS B 43 41.82 -12.69 15.49
CA LYS B 43 40.68 -12.42 16.38
C LYS B 43 40.18 -10.97 16.26
N ALA B 44 41.11 -10.01 16.10
CA ALA B 44 40.79 -8.58 15.93
C ALA B 44 40.23 -8.30 14.54
N LYS B 45 40.78 -8.94 13.47
CA LYS B 45 40.33 -8.78 12.08
C LYS B 45 38.93 -9.35 11.94
N MSE B 46 38.60 -10.30 12.80
CA MSE B 46 37.31 -10.95 12.80
C MSE B 46 36.25 -10.18 13.54
O MSE B 46 35.09 -10.25 13.16
CB MSE B 46 37.45 -12.32 13.38
CG MSE B 46 36.78 -13.36 12.55
SE MSE B 46 36.95 -14.98 13.54
CE MSE B 46 35.79 -14.41 15.21
N THR B 47 36.61 -9.47 14.62
CA THR B 47 35.70 -8.64 15.43
C THR B 47 35.21 -7.46 14.58
N SER B 48 36.10 -6.87 13.76
CA SER B 48 35.75 -5.75 12.88
C SER B 48 34.82 -6.25 11.76
N LEU B 49 35.10 -7.46 11.24
CA LEU B 49 34.37 -8.14 10.19
C LEU B 49 32.95 -8.49 10.63
N GLU B 50 32.80 -9.00 11.87
CA GLU B 50 31.51 -9.31 12.49
C GLU B 50 30.68 -8.02 12.68
N GLU B 51 31.35 -6.89 13.03
CA GLU B 51 30.74 -5.58 13.19
C GLU B 51 30.27 -5.02 11.82
N GLU B 52 31.05 -5.26 10.76
CA GLU B 52 30.81 -4.86 9.38
C GLU B 52 29.58 -5.60 8.82
N CYS B 53 29.53 -6.94 9.05
CA CYS B 53 28.44 -7.82 8.65
C CYS B 53 27.14 -7.37 9.35
N GLN B 54 27.20 -7.02 10.63
CA GLN B 54 26.05 -6.57 11.42
C GLN B 54 25.47 -5.27 10.88
N ARG B 55 26.34 -4.33 10.46
CA ARG B 55 25.89 -3.07 9.91
C ARG B 55 25.21 -3.29 8.56
N SER B 56 25.76 -4.14 7.66
CA SER B 56 25.13 -4.45 6.37
C SER B 56 23.82 -5.23 6.54
N LYS B 57 23.71 -6.07 7.59
CA LYS B 57 22.47 -6.80 7.89
C LYS B 57 21.35 -5.79 8.19
N GLN B 58 21.67 -4.72 8.93
CA GLN B 58 20.74 -3.67 9.28
C GLN B 58 20.39 -2.78 8.08
N GLN B 59 21.37 -2.58 7.20
CA GLN B 59 21.22 -1.83 5.94
C GLN B 59 20.26 -2.61 5.03
N VAL B 60 20.44 -3.95 4.92
CA VAL B 60 19.59 -4.83 4.09
C VAL B 60 18.15 -4.75 4.58
N LEU B 61 17.94 -4.91 5.91
CA LEU B 61 16.63 -4.89 6.54
C LEU B 61 15.93 -3.56 6.34
N SER B 62 16.70 -2.46 6.38
CA SER B 62 16.20 -1.10 6.17
C SER B 62 15.71 -0.96 4.72
N LEU B 63 16.53 -1.45 3.77
CA LEU B 63 16.24 -1.43 2.34
C LEU B 63 15.07 -2.32 1.95
N ARG B 64 14.85 -3.43 2.69
CA ARG B 64 13.74 -4.35 2.43
C ARG B 64 12.41 -3.71 2.86
N ARG B 65 12.43 -2.95 3.98
CA ARG B 65 11.29 -2.21 4.52
C ARG B 65 10.87 -1.14 3.53
N GLU B 66 11.86 -0.40 3.01
CA GLU B 66 11.74 0.68 2.04
C GLU B 66 11.15 0.13 0.75
N ASN B 67 11.66 -1.02 0.27
CA ASN B 67 11.17 -1.64 -0.96
C ASN B 67 9.70 -2.07 -0.86
N SER B 68 9.29 -2.71 0.25
CA SER B 68 7.92 -3.16 0.48
C SER B 68 6.95 -2.00 0.41
N ALA B 69 7.35 -0.85 1.03
CA ALA B 69 6.62 0.40 1.11
C ALA B 69 6.42 0.97 -0.28
N LEU B 70 7.49 1.03 -1.11
CA LEU B 70 7.42 1.54 -2.49
C LEU B 70 6.59 0.65 -3.37
N ASP B 71 6.71 -0.66 -3.19
CA ASP B 71 5.97 -1.64 -3.96
C ASP B 71 4.48 -1.46 -3.72
N SER B 72 4.06 -1.29 -2.45
CA SER B 72 2.65 -1.11 -2.07
C SER B 72 2.13 0.20 -2.62
N GLU B 73 2.98 1.23 -2.61
CA GLU B 73 2.68 2.57 -3.08
C GLU B 73 2.48 2.55 -4.61
N CYS B 74 3.34 1.83 -5.35
CA CYS B 74 3.27 1.71 -6.80
C CYS B 74 2.03 0.90 -7.22
N HIS B 75 1.62 -0.03 -6.37
CA HIS B 75 0.44 -0.86 -6.57
C HIS B 75 -0.85 -0.06 -6.44
N GLU B 76 -0.92 0.81 -5.42
CA GLU B 76 -2.06 1.70 -5.15
C GLU B 76 -2.20 2.76 -6.23
N LYS B 77 -1.05 3.30 -6.69
CA LYS B 77 -1.02 4.26 -7.79
C LYS B 77 -1.61 3.60 -9.04
N GLU B 78 -1.19 2.38 -9.39
CA GLU B 78 -1.72 1.63 -10.55
C GLU B 78 -3.22 1.40 -10.45
N ARG B 79 -3.68 0.97 -9.29
CA ARG B 79 -5.06 0.72 -8.95
C ARG B 79 -5.92 2.01 -9.25
N LEU B 80 -5.47 3.19 -8.77
CA LEU B 80 -6.12 4.48 -9.01
C LEU B 80 -6.05 4.91 -10.51
N MSE B 81 -5.01 4.47 -11.25
CA MSE B 81 -4.88 4.77 -12.66
C MSE B 81 -5.84 4.05 -13.52
O MSE B 81 -6.33 4.65 -14.46
CB MSE B 81 -3.52 4.42 -13.16
CG MSE B 81 -2.59 5.48 -12.96
SE MSE B 81 -0.98 4.54 -12.99
CE MSE B 81 -0.59 5.02 -14.59
N ASN B 82 -6.05 2.75 -13.27
CA ASN B 82 -6.96 1.94 -14.05
C ASN B 82 -8.37 2.52 -13.96
N GLN B 83 -8.69 3.05 -12.78
CA GLN B 83 -9.95 3.70 -12.44
C GLN B 83 -10.18 4.98 -13.29
N LEU B 84 -9.13 5.78 -13.44
CA LEU B 84 -9.11 7.01 -14.21
C LEU B 84 -9.18 6.76 -15.70
N GLN B 85 -8.47 5.73 -16.19
CA GLN B 85 -8.46 5.34 -17.61
C GLN B 85 -9.85 4.87 -18.06
N THR B 86 -10.56 4.16 -17.14
CA THR B 86 -11.94 3.70 -17.31
C THR B 86 -12.86 4.94 -17.39
N ARG B 87 -12.67 5.91 -16.46
CA ARG B 87 -13.44 7.15 -16.40
C ARG B 87 -13.34 7.94 -17.70
N VAL B 88 -12.11 8.07 -18.25
CA VAL B 88 -11.80 8.77 -19.51
C VAL B 88 -12.56 8.12 -20.66
N ALA B 89 -12.53 6.78 -20.77
CA ALA B 89 -13.22 6.01 -21.80
C ALA B 89 -14.73 6.25 -21.79
N VAL B 90 -15.33 6.29 -20.59
CA VAL B 90 -16.77 6.57 -20.39
C VAL B 90 -17.11 7.99 -20.94
N LEU B 91 -16.37 9.01 -20.48
CA LEU B 91 -16.58 10.40 -20.88
C LEU B 91 -16.34 10.61 -22.38
N GLU B 92 -15.31 9.95 -22.95
CA GLU B 92 -14.99 10.08 -24.38
C GLU B 92 -16.14 9.56 -25.28
N GLN B 93 -16.83 8.52 -24.80
CA GLN B 93 -17.96 7.88 -25.46
C GLN B 93 -19.18 8.78 -25.33
N GLU B 94 -19.41 9.38 -24.14
CA GLU B 94 -20.55 10.29 -23.92
C GLU B 94 -20.51 11.48 -24.88
N ILE B 95 -19.30 12.01 -25.17
CA ILE B 95 -19.03 13.10 -26.11
C ILE B 95 -19.45 12.70 -27.53
N LYS B 96 -18.89 11.57 -28.01
CA LYS B 96 -19.17 11.03 -29.34
C LYS B 96 -20.68 10.88 -29.61
N ASP B 97 -21.41 10.31 -28.61
CA ASP B 97 -22.85 10.09 -28.67
C ASP B 97 -23.65 11.39 -28.70
N LYS B 98 -23.20 12.40 -27.92
CA LYS B 98 -23.86 13.71 -27.85
C LYS B 98 -23.61 14.53 -29.11
N ASP B 99 -22.39 14.45 -29.68
CA ASP B 99 -22.02 15.13 -30.92
C ASP B 99 -22.84 14.62 -32.09
N GLN B 100 -23.07 13.28 -32.12
CA GLN B 100 -23.86 12.57 -33.12
C GLN B 100 -25.33 12.95 -33.02
N LEU B 101 -25.85 13.14 -31.79
CA LEU B 101 -27.22 13.59 -31.51
C LEU B 101 -27.37 15.03 -32.01
N VAL B 102 -26.35 15.88 -31.77
CA VAL B 102 -26.30 17.28 -32.22
C VAL B 102 -26.24 17.33 -33.75
N LEU B 103 -25.54 16.37 -34.37
CA LEU B 103 -25.41 16.27 -35.81
C LEU B 103 -26.74 15.87 -36.47
N ARG B 104 -27.42 14.84 -35.93
CA ARG B 104 -28.71 14.35 -36.45
C ARG B 104 -29.84 15.40 -36.31
N THR B 105 -29.79 16.25 -35.28
CA THR B 105 -30.75 17.33 -35.08
C THR B 105 -30.52 18.43 -36.11
N LYS B 106 -29.23 18.76 -36.39
CA LYS B 106 -28.84 19.74 -37.42
C LYS B 106 -29.31 19.28 -38.79
N GLU B 107 -29.11 17.98 -39.10
CA GLU B 107 -29.49 17.29 -40.35
C GLU B 107 -31.00 17.36 -40.62
N VAL B 108 -31.84 17.24 -39.56
CA VAL B 108 -33.31 17.26 -39.68
C VAL B 108 -33.78 18.70 -39.90
N LEU B 109 -33.17 19.64 -39.16
CA LEU B 109 -33.53 21.05 -39.24
C LEU B 109 -33.06 21.72 -40.54
N GLU B 110 -31.81 21.48 -40.98
CA GLU B 110 -31.25 22.07 -42.21
C GLU B 110 -31.70 21.36 -43.50
N ALA B 111 -32.56 20.29 -43.39
CA ALA B 111 -33.11 19.56 -44.54
C ALA B 111 -34.40 18.84 -44.17
N HIS C 8 81.02 -34.94 48.15
CA HIS C 8 80.99 -33.50 48.38
C HIS C 8 80.62 -32.70 47.12
N ARG C 9 81.10 -33.17 45.95
CA ARG C 9 80.84 -32.53 44.66
C ARG C 9 79.70 -33.22 43.92
N SER C 10 78.70 -32.44 43.54
CA SER C 10 77.51 -32.94 42.88
C SER C 10 77.12 -32.17 41.62
N THR C 11 77.13 -32.88 40.47
CA THR C 11 76.75 -32.35 39.16
C THR C 11 75.21 -32.48 38.98
N GLN C 12 74.50 -32.85 40.09
CA GLN C 12 73.04 -33.00 40.18
C GLN C 12 72.39 -31.63 40.03
N GLN C 13 73.15 -30.55 40.31
CA GLN C 13 72.75 -29.14 40.21
C GLN C 13 72.87 -28.63 38.76
N LEU C 14 73.08 -29.57 37.81
CA LEU C 14 73.16 -29.37 36.37
C LEU C 14 72.18 -30.36 35.73
N GLN C 15 72.11 -31.60 36.28
CA GLN C 15 71.20 -32.68 35.86
C GLN C 15 69.75 -32.23 36.03
N THR C 16 69.53 -31.30 36.99
CA THR C 16 68.25 -30.68 37.30
C THR C 16 67.85 -29.77 36.13
N LYS C 17 68.72 -28.79 35.77
CA LYS C 17 68.51 -27.83 34.68
C LYS C 17 68.23 -28.51 33.32
N VAL C 18 68.87 -29.68 33.06
CA VAL C 18 68.70 -30.50 31.85
C VAL C 18 67.21 -30.93 31.71
N SER C 19 66.68 -31.64 32.72
CA SER C 19 65.29 -32.11 32.76
C SER C 19 64.28 -30.95 32.82
N GLU C 20 64.67 -29.85 33.52
CA GLU C 20 63.90 -28.61 33.70
C GLU C 20 63.67 -27.90 32.37
N LEU C 21 64.67 -27.96 31.47
CA LEU C 21 64.64 -27.40 30.12
C LEU C 21 63.93 -28.38 29.16
N GLU C 22 64.05 -29.69 29.41
CA GLU C 22 63.44 -30.74 28.58
C GLU C 22 61.94 -30.69 28.64
N THR C 23 61.37 -30.50 29.84
CA THR C 23 59.91 -30.40 29.98
C THR C 23 59.38 -29.04 29.47
N ALA C 24 60.19 -27.97 29.67
CA ALA C 24 59.86 -26.63 29.21
C ALA C 24 59.71 -26.65 27.67
N ASN C 25 60.65 -27.31 26.96
CA ASN C 25 60.62 -27.44 25.50
C ASN C 25 59.46 -28.30 25.03
N ARG C 26 59.27 -29.47 25.67
CA ARG C 26 58.20 -30.43 25.39
C ARG C 26 56.81 -29.80 25.56
N GLU C 27 56.68 -28.82 26.48
CA GLU C 27 55.45 -28.07 26.74
C GLU C 27 55.24 -27.05 25.63
N LEU C 28 56.33 -26.51 25.09
CA LEU C 28 56.30 -25.53 24.00
C LEU C 28 55.88 -26.15 22.65
N ILE C 29 56.25 -27.43 22.42
CA ILE C 29 55.93 -28.22 21.22
C ILE C 29 54.41 -28.62 21.21
N ASP C 30 53.89 -28.99 22.40
CA ASP C 30 52.47 -29.32 22.60
C ASP C 30 51.58 -28.09 22.46
N LYS C 31 52.11 -26.90 22.83
CA LYS C 31 51.44 -25.61 22.70
C LYS C 31 51.38 -25.24 21.20
N LYS C 32 52.42 -25.62 20.42
CA LYS C 32 52.52 -25.38 18.98
C LYS C 32 51.45 -26.15 18.26
N TYR C 33 51.08 -27.37 18.74
CA TYR C 33 50.01 -28.12 18.10
C TYR C 33 48.67 -27.35 18.26
N LYS C 34 48.39 -26.91 19.51
CA LYS C 34 47.19 -26.16 19.90
C LYS C 34 47.07 -24.82 19.16
N SER C 35 48.17 -24.06 19.06
CA SER C 35 48.20 -22.75 18.40
C SER C 35 47.92 -22.88 16.90
N ASP C 36 48.44 -23.94 16.29
CA ASP C 36 48.27 -24.22 14.86
C ASP C 36 46.82 -24.51 14.49
N SER C 37 46.11 -25.29 15.35
CA SER C 37 44.70 -25.61 15.13
C SER C 37 43.85 -24.38 15.33
N THR C 38 44.24 -23.49 16.26
CA THR C 38 43.56 -22.21 16.53
C THR C 38 43.64 -21.32 15.29
N ILE C 39 44.81 -21.25 14.67
CA ILE C 39 45.08 -20.50 13.43
C ILE C 39 44.27 -21.11 12.29
N ARG C 40 44.27 -22.46 12.14
CA ARG C 40 43.49 -23.20 11.11
C ARG C 40 41.98 -22.94 11.27
N ASP C 41 41.49 -22.93 12.54
CA ASP C 41 40.09 -22.66 12.88
C ASP C 41 39.69 -21.20 12.62
N LEU C 42 40.55 -20.23 13.02
CA LEU C 42 40.29 -18.80 12.82
C LEU C 42 40.23 -18.47 11.34
N LYS C 43 41.20 -18.97 10.55
CA LYS C 43 41.29 -18.76 9.11
C LYS C 43 40.05 -19.26 8.39
N ALA C 44 39.49 -20.42 8.84
CA ALA C 44 38.27 -21.00 8.25
C ALA C 44 37.03 -20.19 8.62
N LYS C 45 36.92 -19.78 9.91
CA LYS C 45 35.82 -18.99 10.42
C LYS C 45 35.77 -17.60 9.76
N MSE C 46 36.92 -17.14 9.31
CA MSE C 46 37.05 -15.86 8.67
C MSE C 46 36.74 -15.88 7.20
O MSE C 46 36.24 -14.87 6.69
CB MSE C 46 38.44 -15.34 8.87
CG MSE C 46 38.46 -13.89 9.20
SE MSE C 46 40.27 -13.32 9.12
CE MSE C 46 40.73 -13.69 7.19
N THR C 47 37.05 -16.98 6.51
CA THR C 47 36.76 -17.17 5.09
C THR C 47 35.26 -17.17 4.87
N SER C 48 34.50 -17.85 5.77
CA SER C 48 33.04 -17.91 5.69
C SER C 48 32.43 -16.54 5.96
N LEU C 49 33.00 -15.81 6.92
CA LEU C 49 32.62 -14.47 7.35
C LEU C 49 32.82 -13.44 6.25
N GLU C 50 33.97 -13.49 5.56
CA GLU C 50 34.28 -12.64 4.41
C GLU C 50 33.30 -12.90 3.25
N GLU C 51 32.90 -14.18 3.04
CA GLU C 51 31.92 -14.60 2.04
C GLU C 51 30.52 -14.09 2.38
N GLU C 52 30.17 -14.09 3.68
CA GLU C 52 28.90 -13.64 4.23
C GLU C 52 28.74 -12.15 4.03
N CYS C 53 29.80 -11.39 4.35
CA CYS C 53 29.86 -9.93 4.21
C CYS C 53 29.73 -9.54 2.73
N GLN C 54 30.42 -10.28 1.82
CA GLN C 54 30.37 -10.05 0.37
C GLN C 54 28.96 -10.27 -0.19
N ARG C 55 28.25 -11.34 0.28
CA ARG C 55 26.87 -11.64 -0.11
C ARG C 55 25.95 -10.49 0.31
N SER C 56 26.06 -9.99 1.58
CA SER C 56 25.20 -8.87 2.03
C SER C 56 25.51 -7.57 1.31
N LYS C 57 26.79 -7.39 0.92
CA LYS C 57 27.31 -6.27 0.14
C LYS C 57 26.67 -6.32 -1.24
N GLN C 58 26.46 -7.53 -1.81
CA GLN C 58 25.79 -7.67 -3.11
C GLN C 58 24.27 -7.52 -3.00
N GLN C 59 23.71 -7.87 -1.84
CA GLN C 59 22.31 -7.82 -1.51
C GLN C 59 21.87 -6.37 -1.31
N VAL C 60 22.70 -5.55 -0.64
CA VAL C 60 22.42 -4.11 -0.46
C VAL C 60 22.35 -3.40 -1.82
N LEU C 61 23.36 -3.65 -2.67
CA LEU C 61 23.47 -3.07 -3.99
C LEU C 61 22.33 -3.48 -4.89
N SER C 62 21.88 -4.74 -4.75
CA SER C 62 20.75 -5.29 -5.50
C SER C 62 19.45 -4.56 -5.07
N LEU C 63 19.26 -4.38 -3.75
CA LEU C 63 18.12 -3.69 -3.17
C LEU C 63 18.09 -2.20 -3.48
N ARG C 64 19.27 -1.57 -3.66
CA ARG C 64 19.36 -0.15 -4.01
C ARG C 64 18.92 0.05 -5.46
N ARG C 65 19.29 -0.90 -6.35
CA ARG C 65 18.92 -0.91 -7.78
C ARG C 65 17.42 -1.05 -7.91
N GLU C 66 16.83 -1.98 -7.13
CA GLU C 66 15.41 -2.31 -7.06
C GLU C 66 14.63 -1.11 -6.57
N ASN C 67 15.14 -0.41 -5.55
CA ASN C 67 14.49 0.77 -4.99
C ASN C 67 14.45 1.95 -5.98
N SER C 68 15.56 2.18 -6.72
CA SER C 68 15.65 3.25 -7.72
C SER C 68 14.65 3.00 -8.84
N ALA C 69 14.51 1.73 -9.25
CA ALA C 69 13.58 1.26 -10.27
C ALA C 69 12.14 1.53 -9.86
N LEU C 70 11.77 1.21 -8.61
CA LEU C 70 10.44 1.44 -8.05
C LEU C 70 10.16 2.92 -7.90
N ASP C 71 11.17 3.71 -7.48
CA ASP C 71 11.05 5.16 -7.33
C ASP C 71 10.73 5.80 -8.69
N SER C 72 11.44 5.40 -9.77
CA SER C 72 11.20 5.92 -11.13
C SER C 72 9.83 5.51 -11.63
N GLU C 73 9.41 4.30 -11.29
CA GLU C 73 8.12 3.73 -11.66
C GLU C 73 7.00 4.49 -10.94
N CYS C 74 7.17 4.81 -9.63
CA CYS C 74 6.19 5.56 -8.82
C CYS C 74 6.07 7.02 -9.33
N HIS C 75 7.18 7.57 -9.87
CA HIS C 75 7.23 8.90 -10.44
C HIS C 75 6.42 8.96 -11.74
N GLU C 76 6.59 7.95 -12.61
CA GLU C 76 5.89 7.85 -13.88
C GLU C 76 4.41 7.64 -13.66
N LYS C 77 4.04 6.80 -12.68
CA LYS C 77 2.66 6.54 -12.32
C LYS C 77 2.00 7.84 -11.88
N GLU C 78 2.66 8.63 -11.03
CA GLU C 78 2.14 9.93 -10.57
C GLU C 78 1.98 10.93 -11.73
N ARG C 79 3.01 11.00 -12.60
CA ARG C 79 3.02 11.90 -13.78
C ARG C 79 1.82 11.55 -14.65
N LEU C 80 1.60 10.26 -14.94
CA LEU C 80 0.52 9.76 -15.76
C LEU C 80 -0.85 10.02 -15.11
N MSE C 81 -0.90 10.09 -13.79
CA MSE C 81 -2.13 10.32 -13.06
C MSE C 81 -2.61 11.75 -13.12
O MSE C 81 -3.81 11.99 -13.27
CB MSE C 81 -1.96 9.92 -11.63
CG MSE C 81 -1.86 8.47 -11.46
SE MSE C 81 -2.89 8.01 -9.95
CE MSE C 81 -1.59 8.40 -8.52
N ASN C 82 -1.68 12.71 -12.98
CA ASN C 82 -2.01 14.12 -13.05
C ASN C 82 -2.55 14.45 -14.43
N GLN C 83 -1.99 13.77 -15.47
CA GLN C 83 -2.36 13.89 -16.88
C GLN C 83 -3.81 13.43 -17.10
N LEU C 84 -4.20 12.30 -16.47
CA LEU C 84 -5.53 11.70 -16.55
C LEU C 84 -6.55 12.50 -15.80
N GLN C 85 -6.18 13.06 -14.61
CA GLN C 85 -7.07 13.90 -13.79
C GLN C 85 -7.42 15.17 -14.52
N THR C 86 -6.44 15.72 -15.27
CA THR C 86 -6.59 16.91 -16.11
C THR C 86 -7.52 16.57 -17.26
N ARG C 87 -7.30 15.40 -17.91
CA ARG C 87 -8.11 14.90 -19.02
C ARG C 87 -9.58 14.76 -18.63
N VAL C 88 -9.85 14.19 -17.44
CA VAL C 88 -11.18 13.99 -16.85
C VAL C 88 -11.87 15.34 -16.68
N ALA C 89 -11.18 16.34 -16.11
CA ALA C 89 -11.71 17.69 -15.89
C ALA C 89 -12.13 18.36 -17.22
N VAL C 90 -11.32 18.18 -18.28
CA VAL C 90 -11.56 18.71 -19.64
C VAL C 90 -12.84 18.08 -20.19
N LEU C 91 -12.92 16.73 -20.13
CA LEU C 91 -14.06 15.98 -20.63
C LEU C 91 -15.34 16.27 -19.86
N GLU C 92 -15.25 16.43 -18.52
CA GLU C 92 -16.40 16.74 -17.67
C GLU C 92 -17.01 18.09 -18.01
N GLN C 93 -16.16 19.04 -18.44
CA GLN C 93 -16.53 20.38 -18.86
C GLN C 93 -17.16 20.31 -20.24
N GLU C 94 -16.59 19.52 -21.16
CA GLU C 94 -17.13 19.36 -22.51
C GLU C 94 -18.56 18.82 -22.47
N ILE C 95 -18.84 17.91 -21.52
CA ILE C 95 -20.15 17.31 -21.30
C ILE C 95 -21.14 18.39 -20.85
N LYS C 96 -20.82 19.14 -19.78
CA LYS C 96 -21.64 20.24 -19.23
C LYS C 96 -22.05 21.26 -20.30
N ASP C 97 -21.09 21.68 -21.15
CA ASP C 97 -21.28 22.63 -22.24
C ASP C 97 -22.20 22.08 -23.34
N LYS C 98 -22.05 20.79 -23.66
CA LYS C 98 -22.87 20.13 -24.69
C LYS C 98 -24.28 19.86 -24.18
N ASP C 99 -24.44 19.50 -22.89
CA ASP C 99 -25.73 19.26 -22.26
C ASP C 99 -26.56 20.55 -22.20
N GLN C 100 -25.87 21.69 -21.94
CA GLN C 100 -26.45 23.04 -21.88
C GLN C 100 -26.89 23.48 -23.26
N LEU C 101 -26.15 23.12 -24.32
CA LEU C 101 -26.48 23.39 -25.72
C LEU C 101 -27.72 22.56 -26.09
N VAL C 102 -27.78 21.29 -25.58
CA VAL C 102 -28.89 20.36 -25.76
C VAL C 102 -30.14 20.90 -25.05
N LEU C 103 -29.95 21.55 -23.89
CA LEU C 103 -31.02 22.16 -23.10
C LEU C 103 -31.60 23.40 -23.78
N ARG C 104 -30.73 24.32 -24.26
CA ARG C 104 -31.12 25.55 -24.94
C ARG C 104 -31.85 25.27 -26.25
N THR C 105 -31.47 24.20 -26.98
CA THR C 105 -32.16 23.82 -28.22
C THR C 105 -33.59 23.38 -27.89
N LYS C 106 -33.75 22.58 -26.82
CA LYS C 106 -35.04 22.11 -26.31
C LYS C 106 -35.86 23.30 -25.80
N GLU C 107 -35.18 24.30 -25.21
CA GLU C 107 -35.79 25.54 -24.69
C GLU C 107 -36.35 26.42 -25.80
N VAL C 108 -35.63 26.55 -26.94
CA VAL C 108 -36.08 27.34 -28.09
C VAL C 108 -37.27 26.65 -28.79
N LEU C 109 -37.19 25.32 -28.99
CA LEU C 109 -38.26 24.51 -29.60
C LEU C 109 -39.62 24.60 -28.88
N GLU C 110 -39.62 24.68 -27.52
CA GLU C 110 -40.83 24.81 -26.70
C GLU C 110 -41.42 26.24 -26.75
N LEU D 14 -74.67 34.56 -40.00
CA LEU D 14 -75.75 33.68 -39.57
C LEU D 14 -75.21 32.27 -39.23
N GLN D 15 -75.14 31.36 -40.23
CA GLN D 15 -74.62 29.99 -40.11
C GLN D 15 -73.08 30.04 -40.10
N THR D 16 -72.56 31.27 -40.23
CA THR D 16 -71.16 31.65 -40.28
C THR D 16 -70.46 31.43 -38.93
N LYS D 17 -71.10 31.83 -37.81
CA LYS D 17 -70.55 31.65 -36.45
C LYS D 17 -70.58 30.19 -35.98
N VAL D 18 -71.44 29.35 -36.60
CA VAL D 18 -71.60 27.92 -36.34
C VAL D 18 -70.30 27.21 -36.74
N SER D 19 -69.72 27.63 -37.89
CA SER D 19 -68.47 27.08 -38.44
C SER D 19 -67.25 27.42 -37.61
N GLU D 20 -67.16 28.68 -37.11
CA GLU D 20 -66.06 29.20 -36.27
C GLU D 20 -66.00 28.45 -34.94
N LEU D 21 -67.17 27.98 -34.50
CA LEU D 21 -67.38 27.26 -33.27
C LEU D 21 -67.12 25.76 -33.45
N GLU D 22 -67.38 25.22 -34.67
CA GLU D 22 -67.13 23.81 -35.00
C GLU D 22 -65.64 23.51 -35.02
N THR D 23 -64.84 24.48 -35.55
CA THR D 23 -63.38 24.48 -35.65
C THR D 23 -62.78 24.57 -34.24
N ALA D 24 -63.35 25.46 -33.40
CA ALA D 24 -62.92 25.68 -32.03
C ALA D 24 -63.08 24.40 -31.21
N ASN D 25 -64.24 23.71 -31.34
CA ASN D 25 -64.54 22.46 -30.62
C ASN D 25 -63.61 21.31 -31.04
N ARG D 26 -63.57 20.99 -32.37
CA ARG D 26 -62.72 19.94 -32.93
C ARG D 26 -61.27 20.13 -32.50
N GLU D 27 -60.81 21.40 -32.43
CA GLU D 27 -59.48 21.78 -31.95
C GLU D 27 -59.27 21.42 -30.45
N LEU D 28 -60.27 21.72 -29.59
CA LEU D 28 -60.23 21.44 -28.15
C LEU D 28 -60.20 19.94 -27.81
N ILE D 29 -61.05 19.15 -28.51
CA ILE D 29 -61.15 17.69 -28.34
C ILE D 29 -59.82 17.02 -28.75
N ASP D 30 -59.21 17.49 -29.88
CA ASP D 30 -57.93 17.00 -30.38
C ASP D 30 -56.79 17.40 -29.46
N LYS D 31 -56.90 18.58 -28.80
CA LYS D 31 -55.90 19.04 -27.83
C LYS D 31 -56.02 18.22 -26.53
N LYS D 32 -57.27 17.81 -26.19
CA LYS D 32 -57.56 16.98 -25.02
C LYS D 32 -56.96 15.60 -25.17
N TYR D 33 -56.89 15.04 -26.42
CA TYR D 33 -56.28 13.74 -26.65
C TYR D 33 -54.77 13.86 -26.35
N LYS D 34 -54.13 14.92 -26.90
CA LYS D 34 -52.70 15.21 -26.75
C LYS D 34 -52.31 15.46 -25.29
N SER D 35 -53.12 16.26 -24.55
CA SER D 35 -52.84 16.59 -23.15
C SER D 35 -52.93 15.35 -22.26
N ASP D 36 -53.88 14.45 -22.56
CA ASP D 36 -54.08 13.21 -21.80
C ASP D 36 -52.89 12.23 -21.93
N SER D 37 -52.33 12.11 -23.16
CA SER D 37 -51.17 11.26 -23.40
C SER D 37 -49.92 11.86 -22.77
N THR D 38 -49.84 13.21 -22.70
CA THR D 38 -48.75 13.95 -22.07
C THR D 38 -48.76 13.63 -20.58
N ILE D 39 -49.96 13.63 -19.95
CA ILE D 39 -50.17 13.28 -18.54
C ILE D 39 -49.76 11.82 -18.29
N ARG D 40 -50.21 10.90 -19.16
CA ARG D 40 -49.88 9.48 -19.10
C ARG D 40 -48.35 9.23 -19.23
N ASP D 41 -47.70 9.99 -20.15
CA ASP D 41 -46.25 9.93 -20.37
C ASP D 41 -45.44 10.54 -19.24
N LEU D 42 -45.90 11.69 -18.67
CA LEU D 42 -45.22 12.34 -17.55
C LEU D 42 -45.25 11.44 -16.31
N LYS D 43 -46.42 10.85 -16.00
CA LYS D 43 -46.62 9.93 -14.87
C LYS D 43 -45.69 8.71 -14.97
N ALA D 44 -45.48 8.18 -16.20
CA ALA D 44 -44.59 7.04 -16.44
C ALA D 44 -43.10 7.43 -16.30
N LYS D 45 -42.71 8.62 -16.84
CA LYS D 45 -41.35 9.16 -16.78
C LYS D 45 -40.96 9.46 -15.34
N MSE D 46 -41.97 9.72 -14.51
CA MSE D 46 -41.78 10.04 -13.12
C MSE D 46 -41.64 8.82 -12.24
O MSE D 46 -40.93 8.89 -11.24
CB MSE D 46 -42.91 10.89 -12.65
CG MSE D 46 -42.47 12.02 -11.78
SE MSE D 46 -44.06 12.81 -11.10
CE MSE D 46 -44.77 11.26 -9.99
N THR D 47 -42.34 7.73 -12.58
CA THR D 47 -42.31 6.45 -11.86
C THR D 47 -40.89 5.86 -11.95
N SER D 48 -40.28 5.94 -13.16
CA SER D 48 -38.92 5.45 -13.40
C SER D 48 -37.90 6.30 -12.62
N LEU D 49 -38.12 7.62 -12.58
CA LEU D 49 -37.31 8.62 -11.92
C LEU D 49 -37.33 8.47 -10.39
N GLU D 50 -38.49 8.24 -9.77
CA GLU D 50 -38.49 8.07 -8.31
C GLU D 50 -37.92 6.68 -7.86
N GLU D 51 -37.90 5.71 -8.80
CA GLU D 51 -37.35 4.35 -8.65
C GLU D 51 -35.83 4.47 -8.75
N GLU D 52 -35.35 5.43 -9.56
CA GLU D 52 -33.93 5.75 -9.76
C GLU D 52 -33.38 6.46 -8.53
N CYS D 53 -34.13 7.47 -8.03
CA CYS D 53 -33.79 8.26 -6.85
C CYS D 53 -33.74 7.37 -5.59
N GLN D 54 -34.71 6.43 -5.48
CA GLN D 54 -34.80 5.48 -4.36
C GLN D 54 -33.58 4.55 -4.35
N ARG D 55 -33.15 4.11 -5.55
CA ARG D 55 -31.99 3.25 -5.76
C ARG D 55 -30.71 3.95 -5.29
N SER D 56 -30.51 5.25 -5.68
CA SER D 56 -29.33 6.01 -5.28
C SER D 56 -29.34 6.34 -3.79
N LYS D 57 -30.54 6.49 -3.17
CA LYS D 57 -30.68 6.75 -1.73
C LYS D 57 -30.15 5.54 -0.97
N GLN D 58 -30.48 4.33 -1.47
CA GLN D 58 -30.03 3.08 -0.88
C GLN D 58 -28.55 2.84 -1.12
N GLN D 59 -28.05 3.27 -2.28
CA GLN D 59 -26.66 3.18 -2.66
C GLN D 59 -25.83 4.10 -1.74
N VAL D 60 -26.32 5.32 -1.43
CA VAL D 60 -25.65 6.26 -0.52
C VAL D 60 -25.53 5.65 0.88
N LEU D 61 -26.66 5.12 1.39
CA LEU D 61 -26.76 4.50 2.71
C LEU D 61 -25.87 3.28 2.82
N SER D 62 -25.76 2.51 1.72
CA SER D 62 -24.91 1.32 1.65
C SER D 62 -23.45 1.75 1.74
N LEU D 63 -23.06 2.80 0.97
CA LEU D 63 -21.72 3.38 0.96
C LEU D 63 -21.32 4.02 2.29
N ARG D 64 -22.30 4.57 3.04
CA ARG D 64 -22.05 5.20 4.33
C ARG D 64 -21.76 4.13 5.37
N ARG D 65 -22.47 2.98 5.28
CA ARG D 65 -22.32 1.82 6.17
C ARG D 65 -20.95 1.18 5.94
N GLU D 66 -20.54 1.08 4.64
CA GLU D 66 -19.26 0.55 4.17
C GLU D 66 -18.13 1.42 4.67
N ASN D 67 -18.29 2.75 4.60
CA ASN D 67 -17.28 3.68 5.08
C ASN D 67 -17.07 3.63 6.63
N SER D 68 -18.18 3.49 7.40
CA SER D 68 -18.15 3.38 8.87
C SER D 68 -17.41 2.12 9.25
N ALA D 69 -17.66 1.02 8.50
CA ALA D 69 -17.05 -0.29 8.69
C ALA D 69 -15.54 -0.21 8.48
N LEU D 70 -15.09 0.46 7.40
CA LEU D 70 -13.67 0.66 7.08
C LEU D 70 -12.99 1.55 8.09
N ASP D 71 -13.69 2.60 8.55
CA ASP D 71 -13.19 3.50 9.58
C ASP D 71 -12.90 2.75 10.89
N SER D 72 -13.85 1.88 11.32
CA SER D 72 -13.69 1.07 12.54
C SER D 72 -12.56 0.07 12.40
N GLU D 73 -12.43 -0.49 11.19
CA GLU D 73 -11.41 -1.45 10.79
C GLU D 73 -10.03 -0.77 10.80
N CYS D 74 -9.91 0.48 10.28
CA CYS D 74 -8.66 1.27 10.28
C CYS D 74 -8.24 1.61 11.70
N HIS D 75 -9.22 1.83 12.58
CA HIS D 75 -9.01 2.16 13.99
C HIS D 75 -8.40 0.96 14.72
N GLU D 76 -8.96 -0.26 14.51
CA GLU D 76 -8.52 -1.50 15.11
C GLU D 76 -7.14 -1.89 14.62
N LYS D 77 -6.90 -1.71 13.30
CA LYS D 77 -5.60 -1.95 12.69
C LYS D 77 -4.53 -1.06 13.34
N GLU D 78 -4.81 0.24 13.53
CA GLU D 78 -3.89 1.18 14.17
C GLU D 78 -3.63 0.80 15.64
N ARG D 79 -4.70 0.42 16.36
CA ARG D 79 -4.63 0.01 17.76
C ARG D 79 -3.69 -1.17 17.86
N LEU D 80 -3.91 -2.19 17.00
CA LEU D 80 -3.07 -3.40 16.97
CA LEU D 80 -3.09 -3.40 16.94
C LEU D 80 -1.63 -3.10 16.58
N MSE D 81 -1.41 -2.08 15.78
CA MSE D 81 -0.09 -1.69 15.34
C MSE D 81 0.78 -1.06 16.38
O MSE D 81 1.97 -1.36 16.46
CB MSE D 81 -0.19 -0.79 14.14
CG MSE D 81 -0.64 -1.54 12.94
SE MSE D 81 0.32 -0.94 11.39
CE MSE D 81 -0.53 0.88 11.19
N ASN D 82 0.21 -0.17 17.19
CA ASN D 82 0.92 0.49 18.26
C ASN D 82 1.37 -0.56 19.28
N GLN D 83 0.52 -1.60 19.48
CA GLN D 83 0.72 -2.73 20.39
C GLN D 83 1.94 -3.55 19.95
N LEU D 84 2.05 -3.78 18.62
CA LEU D 84 3.13 -4.55 18.00
C LEU D 84 4.44 -3.80 18.00
N GLN D 85 4.40 -2.46 17.78
CA GLN D 85 5.58 -1.58 17.81
C GLN D 85 6.19 -1.53 19.20
N THR D 86 5.32 -1.57 20.23
CA THR D 86 5.70 -1.61 21.65
C THR D 86 6.36 -2.97 21.93
N ARG D 87 5.74 -4.07 21.44
CA ARG D 87 6.24 -5.44 21.58
C ARG D 87 7.65 -5.60 20.98
N VAL D 88 7.88 -5.02 19.78
CA VAL D 88 9.15 -5.02 19.07
C VAL D 88 10.21 -4.34 19.91
N ALA D 89 9.90 -3.16 20.49
CA ALA D 89 10.82 -2.39 21.34
C ALA D 89 11.26 -3.19 22.58
N VAL D 90 10.31 -3.93 23.20
CA VAL D 90 10.54 -4.78 24.37
C VAL D 90 11.52 -5.90 23.99
N LEU D 91 11.22 -6.60 22.88
CA LEU D 91 12.05 -7.71 22.38
C LEU D 91 13.44 -7.25 21.96
N GLU D 92 13.55 -6.07 21.32
CA GLU D 92 14.82 -5.51 20.87
C GLU D 92 15.75 -5.20 22.04
N GLN D 93 15.17 -4.80 23.19
CA GLN D 93 15.89 -4.52 24.44
C GLN D 93 16.30 -5.82 25.07
N GLU D 94 15.40 -6.85 25.08
CA GLU D 94 15.71 -8.19 25.64
C GLU D 94 16.93 -8.80 24.96
N ILE D 95 17.06 -8.58 23.64
CA ILE D 95 18.18 -9.06 22.82
C ILE D 95 19.47 -8.37 23.27
N LYS D 96 19.48 -7.02 23.33
CA LYS D 96 20.60 -6.20 23.74
C LYS D 96 21.16 -6.60 25.12
N ASP D 97 20.24 -6.83 26.09
CA ASP D 97 20.56 -7.25 27.45
C ASP D 97 21.15 -8.66 27.50
N LYS D 98 20.64 -9.57 26.66
CA LYS D 98 21.13 -10.95 26.58
C LYS D 98 22.48 -11.03 25.88
N ASP D 99 22.69 -10.21 24.83
CA ASP D 99 23.97 -10.13 24.11
C ASP D 99 25.09 -9.61 25.01
N GLN D 100 24.76 -8.61 25.87
CA GLN D 100 25.64 -8.01 26.86
C GLN D 100 26.00 -8.99 27.95
N LEU D 101 25.05 -9.87 28.35
CA LEU D 101 25.25 -10.94 29.34
C LEU D 101 26.20 -11.97 28.72
N VAL D 102 26.02 -12.30 27.42
CA VAL D 102 26.86 -13.22 26.65
C VAL D 102 28.28 -12.63 26.50
N LEU D 103 28.37 -11.31 26.37
CA LEU D 103 29.64 -10.60 26.26
C LEU D 103 30.42 -10.62 27.58
N ARG D 104 29.73 -10.30 28.71
CA ARG D 104 30.35 -10.29 30.04
C ARG D 104 30.82 -11.68 30.49
N THR D 105 30.12 -12.76 30.06
CA THR D 105 30.51 -14.13 30.37
C THR D 105 31.78 -14.49 29.58
N LYS D 106 31.85 -14.10 28.29
CA LYS D 106 33.01 -14.31 27.43
C LYS D 106 34.24 -13.60 28.04
N GLU D 107 34.05 -12.34 28.50
CA GLU D 107 35.07 -11.49 29.12
C GLU D 107 35.65 -12.07 30.40
N VAL D 108 34.82 -12.73 31.24
CA VAL D 108 35.27 -13.34 32.49
C VAL D 108 36.11 -14.59 32.20
N LEU D 109 35.82 -15.33 31.11
CA LEU D 109 36.65 -16.47 30.71
C LEU D 109 37.93 -16.00 30.01
N GLU D 110 38.82 -15.27 30.74
CA GLU D 110 40.10 -14.69 30.30
C GLU D 110 40.86 -14.22 31.54
#